data_6JDD
#
_entry.id   6JDD
#
_cell.length_a   229.456
_cell.length_b   229.456
_cell.length_c   229.456
_cell.angle_alpha   90.00
_cell.angle_beta   90.00
_cell.angle_gamma   90.00
#
_symmetry.space_group_name_H-M   'F 41 3 2'
#
loop_
_entity.id
_entity.type
_entity.pdbx_description
1 polymer 'Cypemycin cysteine dehydrogenase (decarboxylating)'
2 non-polymer 'FLAVIN-ADENINE DINUCLEOTIDE'
3 non-polymer DI(HYDROXYETHYL)ETHER
4 water water
#
_entity_poly.entity_id   1
_entity_poly.type   'polypeptide(L)'
_entity_poly.pdbx_seq_one_letter_code
;MNVEKFEGAELHVHVTGSISAALVPWWIHWLREFQPELVVNVSVTPAASRFLAVRALRHLANGKVWVDSWDDPDVPPEVN
SGKSGASECFLVFPATLDTVMRLAQGRADSPALMMLQLTDAPLVIADTFPGSNEIVENNVQTLKLRPNVEFAPRVNGVRA
SNRQTAEVGFNLPGALAAANRMRKEGRSGE
;
_entity_poly.pdbx_strand_id   A
#
loop_
_chem_comp.id
_chem_comp.type
_chem_comp.name
_chem_comp.formula
FAD non-polymer 'FLAVIN-ADENINE DINUCLEOTIDE' 'C27 H33 N9 O15 P2'
PEG non-polymer DI(HYDROXYETHYL)ETHER 'C4 H10 O3'
#
# COMPACT_ATOMS: atom_id res chain seq x y z
N ASN A 2 -3.09 20.59 6.66
CA ASN A 2 -4.27 19.65 6.76
C ASN A 2 -3.75 18.21 6.95
N VAL A 3 -2.57 18.04 7.56
CA VAL A 3 -1.88 16.72 7.68
C VAL A 3 -2.19 16.15 9.06
N GLU A 4 -2.80 14.96 9.14
CA GLU A 4 -3.16 14.31 10.43
C GLU A 4 -2.47 12.95 10.56
N LYS A 5 -2.35 12.50 11.81
CA LYS A 5 -1.69 11.24 12.20
C LYS A 5 -2.64 10.07 11.95
N PHE A 6 -2.07 8.91 11.61
CA PHE A 6 -2.83 7.64 11.46
C PHE A 6 -3.19 7.14 12.85
N GLU A 7 -4.47 6.88 13.14
CA GLU A 7 -4.90 6.66 14.56
C GLU A 7 -4.65 5.21 14.99
N GLY A 8 -4.17 4.35 14.10
CA GLY A 8 -3.78 2.99 14.50
C GLY A 8 -2.33 2.90 14.97
N ALA A 9 -1.91 1.69 15.38
CA ALA A 9 -0.57 1.35 15.93
C ALA A 9 0.40 0.89 14.83
N GLU A 10 -0.11 0.21 13.81
CA GLU A 10 0.77 -0.33 12.76
C GLU A 10 0.09 -0.25 11.40
N LEU A 11 0.81 0.14 10.35
CA LEU A 11 0.27 -0.01 8.98
C LEU A 11 1.29 -0.69 8.09
N HIS A 12 0.89 -0.99 6.86
CA HIS A 12 1.70 -1.66 5.83
C HIS A 12 1.70 -0.80 4.58
N VAL A 13 2.87 -0.61 4.00
CA VAL A 13 3.05 0.14 2.75
C VAL A 13 3.51 -0.87 1.69
N HIS A 14 2.77 -0.95 0.60
CA HIS A 14 3.09 -1.80 -0.56
C HIS A 14 3.55 -0.89 -1.70
N VAL A 15 4.81 -1.04 -2.09
CA VAL A 15 5.50 -0.13 -3.04
C VAL A 15 5.59 -0.84 -4.39
N THR A 16 5.16 -0.18 -5.47
CA THR A 16 5.08 -0.78 -6.83
C THR A 16 5.89 0.08 -7.79
N GLY A 17 6.13 -0.44 -9.00
CA GLY A 17 7.19 -0.03 -9.95
C GLY A 17 6.85 1.19 -10.76
N SER A 18 6.66 2.30 -10.09
CA SER A 18 6.71 3.58 -10.81
C SER A 18 7.92 4.36 -10.30
N ILE A 19 8.37 5.31 -11.09
CA ILE A 19 9.54 6.16 -10.74
C ILE A 19 9.26 6.85 -9.39
N SER A 20 8.01 7.11 -9.03
CA SER A 20 7.65 7.63 -7.67
C SER A 20 8.16 6.69 -6.57
N ALA A 21 8.43 5.42 -6.84
CA ALA A 21 8.93 4.53 -5.77
C ALA A 21 10.26 5.07 -5.26
N ALA A 22 11.04 5.73 -6.12
CA ALA A 22 12.34 6.34 -5.76
C ALA A 22 12.15 7.36 -4.61
N LEU A 23 10.97 7.99 -4.52
CA LEU A 23 10.63 9.04 -3.54
C LEU A 23 10.05 8.45 -2.24
N VAL A 24 9.73 7.16 -2.19
CA VAL A 24 9.06 6.53 -1.03
C VAL A 24 9.98 6.56 0.18
N PRO A 25 11.29 6.22 0.11
CA PRO A 25 12.14 6.26 1.31
C PRO A 25 12.13 7.63 2.03
N TRP A 26 12.08 8.73 1.26
CA TRP A 26 11.89 10.08 1.85
C TRP A 26 10.56 10.15 2.63
N TRP A 27 9.45 9.72 2.04
CA TRP A 27 8.13 9.69 2.71
C TRP A 27 8.08 8.73 3.89
N ILE A 28 8.68 7.54 3.79
CA ILE A 28 8.79 6.63 4.97
C ILE A 28 9.57 7.34 6.07
N HIS A 29 10.70 7.98 5.76
CA HIS A 29 11.50 8.75 6.74
C HIS A 29 10.60 9.82 7.38
N TRP A 30 9.88 10.59 6.58
CA TRP A 30 8.89 11.62 7.04
C TRP A 30 7.87 11.00 8.04
N LEU A 31 7.20 9.93 7.63
CA LEU A 31 6.20 9.28 8.50
C LEU A 31 6.86 8.80 9.80
N ARG A 32 8.09 8.27 9.77
CA ARG A 32 8.77 7.79 11.01
C ARG A 32 9.05 8.96 11.97
N GLU A 33 9.38 10.15 11.47
CA GLU A 33 9.68 11.34 12.33
C GLU A 33 8.37 11.97 12.77
N PHE A 34 7.44 12.16 11.86
CA PHE A 34 6.08 12.68 12.15
C PHE A 34 5.40 11.80 13.23
N GLN A 35 5.59 10.49 13.27
CA GLN A 35 4.80 9.60 14.16
C GLN A 35 5.64 8.44 14.68
N PRO A 36 6.63 8.73 15.55
CA PRO A 36 7.64 7.74 15.99
C PRO A 36 7.09 6.45 16.62
N GLU A 37 5.85 6.50 17.11
CA GLU A 37 5.27 5.32 17.80
C GLU A 37 4.67 4.34 16.79
N LEU A 38 4.46 4.79 15.57
CA LEU A 38 3.84 3.97 14.50
C LEU A 38 4.81 2.89 14.04
N VAL A 39 4.36 1.63 13.99
CA VAL A 39 5.13 0.53 13.33
C VAL A 39 4.76 0.49 11.84
N VAL A 40 5.74 0.64 10.95
CA VAL A 40 5.55 0.70 9.48
C VAL A 40 6.18 -0.55 8.89
N ASN A 41 5.36 -1.42 8.34
CA ASN A 41 5.80 -2.58 7.52
C ASN A 41 5.82 -2.16 6.05
N VAL A 42 6.71 -2.77 5.27
CA VAL A 42 6.86 -2.40 3.84
C VAL A 42 7.11 -3.65 3.00
N SER A 43 6.36 -3.75 1.92
CA SER A 43 6.57 -4.76 0.86
C SER A 43 6.96 -4.02 -0.42
N VAL A 44 7.83 -4.61 -1.21
CA VAL A 44 8.36 -3.91 -2.41
C VAL A 44 8.34 -4.91 -3.57
N THR A 45 7.77 -4.53 -4.70
CA THR A 45 7.67 -5.43 -5.87
C THR A 45 9.02 -5.45 -6.52
N PRO A 46 9.36 -6.55 -7.22
CA PRO A 46 10.58 -6.60 -8.01
C PRO A 46 10.73 -5.31 -8.84
N ALA A 47 9.69 -4.91 -9.57
CA ALA A 47 9.75 -3.71 -10.43
C ALA A 47 10.19 -2.54 -9.57
N ALA A 48 9.56 -2.32 -8.43
CA ALA A 48 9.86 -1.13 -7.58
C ALA A 48 11.31 -1.20 -7.09
N SER A 49 11.83 -2.39 -6.95
CA SER A 49 13.20 -2.64 -6.43
C SER A 49 14.21 -2.22 -7.51
N ARG A 50 13.79 -1.87 -8.71
CA ARG A 50 14.69 -1.26 -9.74
C ARG A 50 14.73 0.24 -9.54
N PHE A 51 13.84 0.81 -8.72
CA PHE A 51 13.74 2.28 -8.54
C PHE A 51 14.10 2.71 -7.12
N LEU A 52 14.17 1.76 -6.20
CA LEU A 52 14.67 2.04 -4.83
C LEU A 52 15.46 0.85 -4.32
N ALA A 53 16.10 1.00 -3.17
CA ALA A 53 16.88 -0.07 -2.53
C ALA A 53 16.09 -0.59 -1.32
N VAL A 54 15.78 -1.88 -1.32
CA VAL A 54 15.08 -2.51 -0.18
C VAL A 54 15.92 -2.30 1.10
N ARG A 55 17.24 -2.37 0.97
CA ARG A 55 18.17 -2.23 2.12
C ARG A 55 17.89 -0.92 2.86
N ALA A 56 17.73 0.18 2.12
CA ALA A 56 17.47 1.49 2.73
C ALA A 56 16.17 1.46 3.55
N LEU A 57 15.14 0.76 3.07
CA LEU A 57 13.85 0.66 3.80
C LEU A 57 14.05 -0.17 5.07
N ARG A 58 14.84 -1.23 5.00
CA ARG A 58 15.13 -2.01 6.22
C ARG A 58 15.66 -1.06 7.30
N HIS A 59 16.41 -0.02 6.95
CA HIS A 59 16.94 0.98 7.92
C HIS A 59 15.85 2.01 8.27
N LEU A 60 15.11 2.53 7.30
CA LEU A 60 14.20 3.66 7.59
C LEU A 60 12.92 3.15 8.24
N ALA A 61 12.49 1.92 7.97
CA ALA A 61 11.20 1.38 8.46
C ALA A 61 11.46 0.53 9.69
N ASN A 62 10.58 0.61 10.68
CA ASN A 62 10.75 -0.09 11.97
C ASN A 62 10.00 -1.42 11.98
N GLY A 63 9.18 -1.71 10.98
CA GLY A 63 8.42 -2.98 10.90
C GLY A 63 9.14 -3.97 10.01
N LYS A 64 8.48 -5.02 9.53
CA LYS A 64 9.07 -6.01 8.60
C LYS A 64 9.18 -5.41 7.20
N VAL A 65 10.25 -5.74 6.51
CA VAL A 65 10.44 -5.28 5.11
C VAL A 65 10.71 -6.52 4.28
N TRP A 66 10.01 -6.66 3.17
CA TRP A 66 10.17 -7.84 2.29
C TRP A 66 9.89 -7.51 0.83
N VAL A 67 10.56 -8.27 -0.03
CA VAL A 67 10.30 -8.23 -1.47
C VAL A 67 9.07 -9.09 -1.75
N ASP A 68 8.18 -8.56 -2.57
CA ASP A 68 6.87 -9.16 -2.90
C ASP A 68 7.07 -10.34 -3.90
N SER A 69 7.50 -11.47 -3.37
CA SER A 69 7.88 -12.64 -4.23
C SER A 69 7.72 -13.89 -3.39
N TRP A 70 7.12 -14.91 -3.98
CA TRP A 70 6.80 -16.14 -3.21
C TRP A 70 8.06 -16.87 -2.76
N ASP A 71 9.20 -16.64 -3.43
CA ASP A 71 10.55 -17.17 -3.08
C ASP A 71 11.33 -16.30 -2.09
N ASP A 72 10.89 -15.12 -1.70
CA ASP A 72 11.68 -14.34 -0.73
C ASP A 72 11.49 -14.97 0.64
N PRO A 73 12.57 -15.33 1.35
CA PRO A 73 12.40 -15.90 2.68
C PRO A 73 11.88 -14.93 3.76
N ASP A 74 11.86 -13.63 3.51
CA ASP A 74 11.38 -12.68 4.56
C ASP A 74 9.85 -12.56 4.51
N VAL A 75 9.21 -13.17 3.52
CA VAL A 75 7.74 -13.00 3.35
C VAL A 75 7.07 -13.63 4.56
N PRO A 76 6.30 -12.87 5.36
CA PRO A 76 5.69 -13.43 6.56
C PRO A 76 4.56 -14.37 6.21
N PRO A 77 4.36 -15.44 6.99
CA PRO A 77 3.32 -16.42 6.67
C PRO A 77 1.88 -15.86 6.67
N GLU A 78 1.60 -14.86 7.50
CA GLU A 78 0.24 -14.29 7.66
C GLU A 78 -0.27 -13.53 6.41
N VAL A 79 0.55 -13.35 5.38
CA VAL A 79 0.01 -12.88 4.07
C VAL A 79 -1.13 -13.84 3.64
N ASN A 80 -1.07 -15.12 3.94
CA ASN A 80 -2.10 -16.10 3.48
C ASN A 80 -3.38 -15.97 4.34
N SER A 81 -3.45 -15.04 5.31
CA SER A 81 -4.68 -14.68 6.05
C SER A 81 -5.02 -13.22 5.88
N GLY A 82 -4.36 -12.54 4.94
CA GLY A 82 -4.65 -11.13 4.66
C GLY A 82 -4.12 -10.21 5.73
N LYS A 83 -2.99 -10.57 6.34
CA LYS A 83 -2.38 -9.73 7.38
C LYS A 83 -0.93 -9.40 7.04
N SER A 84 -0.43 -8.35 7.68
CA SER A 84 1.00 -7.94 7.72
C SER A 84 1.29 -7.52 9.16
N GLY A 85 1.82 -8.44 9.95
CA GLY A 85 2.00 -8.23 11.39
C GLY A 85 0.68 -7.87 12.06
N ALA A 86 0.61 -6.71 12.71
CA ALA A 86 -0.65 -6.15 13.24
C ALA A 86 -1.04 -4.87 12.48
N SER A 87 -0.72 -4.77 11.18
CA SER A 87 -1.14 -3.62 10.32
C SER A 87 -2.67 -3.46 10.37
N GLU A 88 -3.11 -2.22 10.53
CA GLU A 88 -4.54 -1.85 10.61
C GLU A 88 -4.98 -1.15 9.32
N CYS A 89 -4.06 -0.79 8.44
CA CYS A 89 -4.44 -0.38 7.08
C CYS A 89 -3.32 -0.76 6.11
N PHE A 90 -3.60 -0.67 4.83
CA PHE A 90 -2.69 -1.05 3.72
C PHE A 90 -2.70 0.06 2.69
N LEU A 91 -1.54 0.66 2.45
CA LEU A 91 -1.41 1.78 1.50
C LEU A 91 -0.57 1.25 0.34
N VAL A 92 -1.13 1.28 -0.86
CA VAL A 92 -0.36 0.98 -2.11
C VAL A 92 0.20 2.29 -2.64
N PHE A 93 1.51 2.49 -2.45
CA PHE A 93 2.15 3.82 -2.47
C PHE A 93 3.54 3.68 -3.07
N PRO A 94 3.76 3.99 -4.35
CA PRO A 94 2.68 4.22 -5.32
C PRO A 94 2.05 2.94 -5.88
N ALA A 95 0.95 3.11 -6.63
CA ALA A 95 0.21 2.00 -7.25
C ALA A 95 0.26 2.16 -8.75
N THR A 96 0.91 1.23 -9.40
CA THR A 96 0.92 1.15 -10.88
C THR A 96 -0.49 0.78 -11.39
N LEU A 97 -0.71 1.09 -12.66
CA LEU A 97 -1.86 0.60 -13.48
C LEU A 97 -1.95 -0.93 -13.35
N ASP A 98 -0.81 -1.61 -13.52
CA ASP A 98 -0.83 -3.08 -13.55
C ASP A 98 -1.17 -3.62 -12.15
N THR A 99 -0.69 -3.00 -11.10
CA THR A 99 -0.95 -3.56 -9.75
C THR A 99 -2.47 -3.45 -9.54
N VAL A 100 -3.06 -2.33 -9.94
CA VAL A 100 -4.51 -2.08 -9.76
C VAL A 100 -5.34 -3.03 -10.64
N MET A 101 -4.93 -3.29 -11.88
CA MET A 101 -5.60 -4.30 -12.72
C MET A 101 -5.55 -5.69 -12.02
N ARG A 102 -4.37 -6.08 -11.52
CA ARG A 102 -4.21 -7.40 -10.85
C ARG A 102 -5.13 -7.49 -9.62
N LEU A 103 -5.27 -6.38 -8.88
CA LEU A 103 -6.11 -6.33 -7.67
C LEU A 103 -7.59 -6.46 -8.07
N ALA A 104 -7.99 -5.69 -9.06
CA ALA A 104 -9.34 -5.68 -9.65
C ALA A 104 -9.70 -7.04 -10.22
N GLN A 105 -8.72 -7.91 -10.47
CA GLN A 105 -9.00 -9.17 -11.17
C GLN A 105 -8.81 -10.34 -10.21
N GLY A 106 -8.65 -10.07 -8.94
CA GLY A 106 -8.58 -11.15 -7.94
C GLY A 106 -7.28 -11.93 -7.96
N ARG A 107 -6.25 -11.40 -8.61
CA ARG A 107 -4.97 -12.13 -8.77
C ARG A 107 -4.25 -12.23 -7.41
N ALA A 108 -3.63 -13.39 -7.19
CA ALA A 108 -2.78 -13.67 -6.00
C ALA A 108 -1.42 -14.20 -6.47
N ASP A 109 -0.84 -13.63 -7.52
CA ASP A 109 0.42 -14.15 -8.13
C ASP A 109 1.67 -13.55 -7.43
N SER A 110 1.46 -12.86 -6.33
CA SER A 110 2.53 -12.35 -5.44
C SER A 110 1.97 -12.38 -4.04
N PRO A 111 2.80 -12.57 -3.02
CA PRO A 111 2.26 -12.67 -1.66
C PRO A 111 1.57 -11.40 -1.18
N ALA A 112 2.02 -10.22 -1.61
CA ALA A 112 1.36 -8.92 -1.30
C ALA A 112 -0.03 -8.91 -1.93
N LEU A 113 -0.18 -9.48 -3.12
CA LEU A 113 -1.52 -9.47 -3.74
C LEU A 113 -2.43 -10.49 -3.05
N MET A 114 -1.91 -11.64 -2.64
CA MET A 114 -2.71 -12.57 -1.81
C MET A 114 -3.22 -11.78 -0.59
N MET A 115 -2.29 -11.09 0.05
CA MET A 115 -2.54 -10.31 1.29
C MET A 115 -3.63 -9.28 1.03
N LEU A 116 -3.52 -8.50 -0.05
CA LEU A 116 -4.46 -7.43 -0.36
C LEU A 116 -5.82 -8.04 -0.76
N GLN A 117 -5.85 -9.21 -1.41
CA GLN A 117 -7.11 -9.90 -1.71
C GLN A 117 -7.80 -10.29 -0.38
N LEU A 118 -7.07 -10.70 0.65
CA LEU A 118 -7.70 -11.37 1.82
C LEU A 118 -8.00 -10.35 2.92
N THR A 119 -7.37 -9.20 2.90
CA THR A 119 -7.55 -8.26 4.04
C THR A 119 -8.99 -7.73 4.01
N ASP A 120 -9.52 -7.49 5.20
CA ASP A 120 -10.75 -6.69 5.45
C ASP A 120 -10.40 -5.26 5.87
N ALA A 121 -9.14 -4.99 6.20
CA ALA A 121 -8.72 -3.67 6.70
C ALA A 121 -8.87 -2.64 5.57
N PRO A 122 -8.93 -1.34 5.92
CA PRO A 122 -8.87 -0.27 4.93
C PRO A 122 -7.66 -0.41 4.01
N LEU A 123 -7.91 -0.36 2.71
CA LEU A 123 -6.92 -0.51 1.64
C LEU A 123 -6.99 0.75 0.80
N VAL A 124 -5.95 1.57 0.83
CA VAL A 124 -5.92 2.86 0.09
C VAL A 124 -4.90 2.76 -1.03
N ILE A 125 -5.30 3.26 -2.19
CA ILE A 125 -4.53 3.11 -3.44
C ILE A 125 -4.09 4.49 -3.88
N ALA A 126 -2.80 4.71 -3.81
CA ALA A 126 -2.15 5.95 -4.24
C ALA A 126 -1.66 5.71 -5.67
N ASP A 127 -2.61 5.71 -6.59
CA ASP A 127 -2.39 5.40 -8.02
C ASP A 127 -1.45 6.45 -8.63
N THR A 128 -0.55 5.95 -9.47
CA THR A 128 0.32 6.71 -10.41
C THR A 128 0.16 6.06 -11.78
N PHE A 129 -0.93 6.33 -12.51
CA PHE A 129 -1.19 5.77 -13.87
C PHE A 129 -0.62 6.73 -14.90
N PRO A 130 0.08 6.25 -15.94
CA PRO A 130 0.48 7.14 -17.00
C PRO A 130 -0.71 7.67 -17.81
N GLY A 131 -1.87 7.03 -17.69
CA GLY A 131 -3.01 7.20 -18.61
C GLY A 131 -4.06 6.13 -18.40
N SER A 132 -5.10 6.12 -19.25
CA SER A 132 -6.27 5.23 -19.05
C SER A 132 -7.00 4.92 -20.35
N ASN A 133 -7.90 3.97 -20.30
CA ASN A 133 -8.85 3.73 -21.42
C ASN A 133 -10.13 3.18 -20.80
N GLU A 134 -11.06 2.76 -21.61
CA GLU A 134 -12.41 2.34 -21.16
C GLU A 134 -12.31 1.03 -20.36
N ILE A 135 -11.38 0.17 -20.74
CA ILE A 135 -11.25 -1.16 -20.12
C ILE A 135 -10.57 -1.01 -18.77
N VAL A 136 -9.61 -0.11 -18.67
CA VAL A 136 -8.95 0.19 -17.37
C VAL A 136 -9.99 0.76 -16.39
N GLU A 137 -10.78 1.72 -16.85
CA GLU A 137 -11.82 2.41 -16.02
C GLU A 137 -12.79 1.34 -15.52
N ASN A 138 -13.12 0.34 -16.35
CA ASN A 138 -14.08 -0.70 -15.91
C ASN A 138 -13.50 -1.52 -14.77
N ASN A 139 -12.26 -1.94 -14.93
CA ASN A 139 -11.47 -2.68 -13.89
C ASN A 139 -11.32 -1.86 -12.57
N VAL A 140 -11.06 -0.58 -12.66
CA VAL A 140 -11.13 0.34 -11.48
C VAL A 140 -12.54 0.39 -10.82
N GLN A 141 -13.63 0.44 -11.63
CA GLN A 141 -15.03 0.40 -11.10
C GLN A 141 -15.19 -0.93 -10.34
N THR A 142 -14.64 -2.02 -10.85
CA THR A 142 -14.85 -3.35 -10.22
C THR A 142 -14.41 -3.33 -8.76
N LEU A 143 -13.46 -2.47 -8.43
CA LEU A 143 -12.98 -2.43 -7.04
C LEU A 143 -14.05 -1.88 -6.06
N LYS A 144 -15.13 -1.22 -6.53
CA LYS A 144 -16.22 -0.83 -5.62
C LYS A 144 -16.97 -2.05 -5.07
N LEU A 145 -16.79 -3.25 -5.63
CA LEU A 145 -17.40 -4.48 -5.03
C LEU A 145 -16.79 -4.80 -3.65
N ARG A 146 -15.65 -4.17 -3.36
CA ARG A 146 -14.95 -4.39 -2.07
C ARG A 146 -15.13 -3.14 -1.23
N PRO A 147 -15.75 -3.29 -0.04
CA PRO A 147 -16.09 -2.13 0.76
C PRO A 147 -14.85 -1.47 1.37
N ASN A 148 -13.76 -2.21 1.54
CA ASN A 148 -12.58 -1.68 2.25
C ASN A 148 -11.64 -0.91 1.31
N VAL A 149 -11.89 -0.88 0.01
CA VAL A 149 -10.91 -0.30 -0.95
C VAL A 149 -11.29 1.13 -1.29
N GLU A 150 -10.34 2.05 -1.26
CA GLU A 150 -10.51 3.44 -1.76
C GLU A 150 -9.27 3.90 -2.52
N PHE A 151 -9.43 4.86 -3.41
CA PHE A 151 -8.31 5.60 -4.02
C PHE A 151 -8.05 6.83 -3.18
N ALA A 152 -6.80 7.19 -3.06
CA ALA A 152 -6.37 8.29 -2.17
C ALA A 152 -6.88 9.57 -2.78
N PRO A 153 -7.07 10.64 -1.98
CA PRO A 153 -7.38 11.97 -2.49
C PRO A 153 -6.30 12.45 -3.51
N ARG A 154 -6.76 13.14 -4.55
CA ARG A 154 -5.92 13.67 -5.66
C ARG A 154 -4.95 14.74 -5.11
N VAL A 155 -3.86 14.98 -5.85
CA VAL A 155 -2.97 16.19 -5.71
C VAL A 155 -2.63 16.77 -7.08
N GLU A 167 -4.46 15.25 -10.45
CA GLU A 167 -4.92 14.16 -11.36
C GLU A 167 -4.30 12.82 -10.89
N VAL A 168 -3.17 12.90 -10.19
CA VAL A 168 -2.47 11.71 -9.60
C VAL A 168 -2.72 11.63 -8.08
N GLY A 169 -2.65 10.40 -7.56
CA GLY A 169 -2.99 10.01 -6.19
C GLY A 169 -1.78 9.67 -5.33
N PHE A 170 -0.58 10.10 -5.71
CA PHE A 170 0.67 9.94 -4.91
C PHE A 170 0.67 10.86 -3.69
N ASN A 171 -0.11 10.52 -2.70
CA ASN A 171 -0.51 11.45 -1.63
C ASN A 171 -0.57 10.68 -0.31
N LEU A 172 0.54 10.57 0.41
CA LEU A 172 0.54 9.81 1.69
C LEU A 172 -0.30 10.51 2.76
N PRO A 173 -0.17 11.84 3.00
CA PRO A 173 -1.00 12.47 4.03
C PRO A 173 -2.52 12.23 3.81
N GLY A 174 -2.98 12.44 2.57
CA GLY A 174 -4.37 12.11 2.17
C GLY A 174 -4.69 10.64 2.40
N ALA A 175 -3.77 9.75 2.05
CA ALA A 175 -4.01 8.30 2.25
C ALA A 175 -4.20 8.07 3.74
N LEU A 176 -3.46 8.75 4.60
CA LEU A 176 -3.49 8.46 6.05
C LEU A 176 -4.85 8.91 6.60
N ALA A 177 -5.30 10.08 6.15
CA ALA A 177 -6.62 10.64 6.56
C ALA A 177 -7.73 9.70 6.10
N ALA A 178 -7.71 9.28 4.83
CA ALA A 178 -8.68 8.31 4.28
C ALA A 178 -8.62 7.03 5.11
N ALA A 179 -7.44 6.60 5.50
CA ALA A 179 -7.36 5.35 6.28
C ALA A 179 -7.98 5.52 7.67
N ASN A 180 -7.64 6.59 8.40
CA ASN A 180 -8.21 6.80 9.75
C ASN A 180 -9.74 6.86 9.65
N ARG A 181 -10.23 7.45 8.55
CA ARG A 181 -11.67 7.59 8.24
C ARG A 181 -12.32 6.21 8.09
N MET A 182 -11.76 5.35 7.26
CA MET A 182 -12.37 4.04 6.99
C MET A 182 -12.20 3.13 8.22
N ARG A 183 -11.22 3.43 9.07
CA ARG A 183 -10.95 2.65 10.32
C ARG A 183 -12.10 2.92 11.31
N LYS A 184 -12.42 4.20 11.55
CA LYS A 184 -13.45 4.62 12.54
C LYS A 184 -14.83 4.19 12.01
N GLU A 185 -15.11 4.25 10.70
CA GLU A 185 -16.39 3.75 10.11
C GLU A 185 -16.57 2.26 10.39
N GLY A 186 -15.46 1.50 10.47
CA GLY A 186 -15.47 0.03 10.68
C GLY A 186 -15.72 -0.37 12.13
N ARG A 187 -15.86 0.59 13.07
CA ARG A 187 -16.03 0.38 14.55
C ARG A 187 -17.44 0.76 15.04
N SER A 188 -17.86 1.97 14.69
CA SER A 188 -19.18 2.52 15.08
C SER A 188 -20.28 1.52 14.70
PA FAD B . 5.51 -6.60 -10.27
O1A FAD B . 5.45 -7.59 -9.15
O2A FAD B . 6.84 -6.03 -10.64
O5B FAD B . 4.82 -7.23 -11.57
C5B FAD B . 5.66 -7.95 -12.51
C4B FAD B . 4.80 -8.91 -13.30
O4B FAD B . 5.40 -10.22 -13.27
C3B FAD B . 3.36 -9.11 -12.78
O3B FAD B . 2.45 -9.28 -13.85
C2B FAD B . 3.49 -10.37 -11.94
O2B FAD B . 2.26 -11.07 -11.80
C1B FAD B . 4.50 -11.17 -12.76
N9A FAD B . 5.25 -12.14 -11.97
C8A FAD B . 4.84 -12.83 -10.87
N7A FAD B . 5.76 -13.63 -10.39
C5A FAD B . 6.85 -13.46 -11.23
C6A FAD B . 8.15 -14.03 -11.26
N6A FAD B . 8.58 -14.92 -10.38
N1A FAD B . 8.97 -13.62 -12.25
C2A FAD B . 8.53 -12.72 -13.13
N3A FAD B . 7.34 -12.12 -13.21
C4A FAD B . 6.54 -12.54 -12.22
N1 FAD B . 3.57 2.00 -14.53
C2 FAD B . 2.56 2.70 -13.95
O2 FAD B . 1.45 2.19 -13.80
N3 FAD B . 2.72 3.98 -13.52
C4 FAD B . 3.92 4.64 -13.65
O4 FAD B . 4.02 5.78 -13.24
C4X FAD B . 4.99 3.94 -14.25
N5 FAD B . 6.14 4.57 -14.38
C5X FAD B . 7.17 3.87 -14.96
C6 FAD B . 8.40 4.51 -15.10
C7 FAD B . 9.48 3.88 -15.69
C7M FAD B . 10.80 4.60 -15.82
C8 FAD B . 9.34 2.55 -16.14
C8M FAD B . 10.51 1.83 -16.78
C9 FAD B . 8.13 1.90 -16.00
C9A FAD B . 7.03 2.54 -15.41
N10 FAD B . 5.78 1.92 -15.25
C10 FAD B . 4.73 2.59 -14.67
C1' FAD B . 5.60 0.54 -15.72
C2' FAD B . 5.67 -0.46 -14.59
O2' FAD B . 6.98 -0.49 -14.03
C3' FAD B . 5.30 -1.87 -15.06
O3' FAD B . 3.91 -1.90 -15.40
C4' FAD B . 5.58 -2.96 -14.03
O4' FAD B . 5.23 -4.23 -14.57
C5' FAD B . 4.84 -2.75 -12.73
O5' FAD B . 5.01 -3.91 -11.87
P FAD B . 4.52 -3.83 -10.35
O1P FAD B . 3.12 -3.31 -10.33
O2P FAD B . 5.56 -3.13 -9.55
O3P FAD B . 4.51 -5.39 -9.95
C1 PEG C . -6.93 7.46 -14.33
O1 PEG C . -5.80 8.05 -14.99
C2 PEG C . -6.77 7.64 -12.82
O2 PEG C . -7.49 6.60 -12.14
C3 PEG C . -7.62 6.87 -10.76
C4 PEG C . -9.09 6.75 -10.35
O4 PEG C . -9.28 7.33 -9.05
C1 PEG D . 3.56 -6.03 15.57
O1 PEG D . 4.89 -5.74 16.01
C2 PEG D . 3.25 -7.50 15.83
O2 PEG D . 3.74 -8.29 14.75
C3 PEG D . 3.09 -9.56 14.68
C4 PEG D . 4.03 -10.57 14.02
O4 PEG D . 3.27 -11.67 13.51
C1 PEG E . 14.31 1.66 11.82
O1 PEG E . 13.55 2.85 12.06
C2 PEG E . 14.58 0.99 13.16
O2 PEG E . 14.04 -0.32 13.20
C3 PEG E . 14.71 -1.24 12.34
C4 PEG E . 14.09 -2.61 12.52
O4 PEG E . 14.86 -3.39 13.44
H11 PEG E . 15.25 1.91 11.32
H12 PEG E . 13.74 0.99 11.17
HO1 PEG E . 13.29 3.24 11.21
H21 PEG E . 14.16 1.59 13.96
H22 PEG E . 15.66 0.94 13.31
H31 PEG E . 15.78 -1.27 12.61
H32 PEG E . 14.63 -0.92 11.30
H41 PEG E . 14.05 -3.12 11.55
H42 PEG E . 13.07 -2.50 12.89
HO4 PEG E . 15.80 -3.23 13.29
#